data_5MRM
#
_entry.id   5MRM
#
_cell.length_a   74.030
_cell.length_b   74.030
_cell.length_c   223.910
_cell.angle_alpha   90.00
_cell.angle_beta   90.00
_cell.angle_gamma   120.00
#
_symmetry.space_group_name_H-M   'H 3 2'
#
loop_
_entity.id
_entity.type
_entity.pdbx_description
1 polymer '2-C-methyl-D-erythritol 4-phosphate cytidylyltransferase, chloroplastic'
2 non-polymer 2,4-bis(bromanyl)-6-[3-(trifluoromethyl)-1,2-oxazol-5-yl]phenol
3 non-polymer 2-AMINO-2-HYDROXYMETHYL-PROPANE-1,3-DIOL
4 non-polymer 'ACETATE ION'
5 non-polymer 'POTASSIUM ION'
6 non-polymer 'CADMIUM ION'
7 water water
#
_entity_poly.entity_id   1
_entity_poly.type   'polypeptide(L)'
_entity_poly.pdbx_seq_one_letter_code
;MEKSVSVILLAGGQGKRMKMSMPKQYIPLLGQPIALYSFFTFSRMPEVKEIVVVCDPFFRDIFEEYEESIDVDLSFAIPG
KERQDSVYSGLQEIDVNSELVCIHDSARPLVNTEDVEKVLKDGSAVGAAVLGVPAKATIKEVNSDSLVVKTLDRKTLWEM
QTPQVIKPELLKKGFELVKSEGLEVTDDVSIVEYLKHPVYVSQGSYTNIKVTTPDDLLLAERILSEDS
;
_entity_poly.pdbx_strand_id   A
#
loop_
_chem_comp.id
_chem_comp.type
_chem_comp.name
_chem_comp.formula
ACT non-polymer 'ACETATE ION' 'C2 H3 O2 -1'
CD non-polymer 'CADMIUM ION' 'Cd 2'
K non-polymer 'POTASSIUM ION' 'K 1'
Q9T non-polymer 2,4-bis(bromanyl)-6-[3-(trifluoromethyl)-1,2-oxazol-5-yl]phenol 'C10 H4 Br2 F3 N O2'
TRS non-polymer 2-AMINO-2-HYDROXYMETHYL-PROPANE-1,3-DIOL 'C4 H12 N O3 1'
#
# COMPACT_ATOMS: atom_id res chain seq x y z
N MET A 1 -8.72 15.11 10.90
CA MET A 1 -8.67 13.62 10.73
C MET A 1 -9.71 13.11 9.74
N GLU A 2 -10.96 13.57 9.90
CA GLU A 2 -12.06 13.16 9.02
C GLU A 2 -11.85 13.73 7.61
N LYS A 3 -11.98 12.88 6.59
CA LYS A 3 -11.79 13.24 5.18
C LYS A 3 -10.40 13.89 4.94
N SER A 4 -9.38 13.32 5.60
CA SER A 4 -8.03 13.88 5.58
C SER A 4 -7.03 13.05 4.76
N VAL A 5 -7.41 11.82 4.41
CA VAL A 5 -6.51 10.86 3.81
C VAL A 5 -6.91 10.56 2.36
N SER A 6 -5.91 10.58 1.47
CA SER A 6 -6.09 10.11 0.11
C SER A 6 -5.48 8.73 -0.02
N VAL A 7 -6.27 7.76 -0.47
CA VAL A 7 -5.78 6.43 -0.78
C VAL A 7 -5.33 6.35 -2.24
N ILE A 8 -4.08 5.93 -2.46
CA ILE A 8 -3.63 5.50 -3.78
C ILE A 8 -3.75 3.97 -3.79
N LEU A 9 -4.76 3.43 -4.48
CA LEU A 9 -4.94 1.98 -4.56
C LEU A 9 -4.24 1.43 -5.81
N LEU A 10 -3.24 0.57 -5.59
CA LEU A 10 -2.44 -0.02 -6.68
C LEU A 10 -3.09 -1.29 -7.21
N ALA A 11 -3.60 -1.24 -8.44
CA ALA A 11 -4.32 -2.35 -9.05
C ALA A 11 -4.06 -2.43 -10.55
N PRO A 23 -5.95 -11.40 -14.31
CA PRO A 23 -5.02 -10.87 -13.32
C PRO A 23 -5.43 -11.21 -11.89
N LYS A 24 -4.45 -11.48 -11.03
CA LYS A 24 -4.70 -12.06 -9.70
C LYS A 24 -5.44 -11.16 -8.70
N GLN A 25 -5.36 -9.84 -8.88
CA GLN A 25 -6.13 -8.89 -8.06
C GLN A 25 -7.60 -8.76 -8.48
N TYR A 26 -7.96 -9.31 -9.63
CA TYR A 26 -9.35 -9.35 -10.08
C TYR A 26 -9.96 -10.76 -10.09
N ILE A 27 -9.25 -11.75 -9.54
CA ILE A 27 -9.84 -13.06 -9.26
C ILE A 27 -10.74 -12.88 -8.04
N PRO A 28 -12.04 -13.22 -8.17
CA PRO A 28 -12.94 -13.19 -7.03
C PRO A 28 -12.52 -14.06 -5.84
N LEU A 29 -12.77 -13.54 -4.64
CA LEU A 29 -12.56 -14.26 -3.39
C LEU A 29 -13.91 -14.27 -2.68
N LEU A 30 -14.41 -15.46 -2.34
CA LEU A 30 -15.81 -15.65 -1.92
C LEU A 30 -16.78 -14.83 -2.78
N GLY A 31 -16.56 -14.86 -4.10
CA GLY A 31 -17.44 -14.23 -5.07
C GLY A 31 -17.19 -12.80 -5.51
N GLN A 32 -16.47 -12.01 -4.72
CA GLN A 32 -16.21 -10.60 -5.01
C GLN A 32 -14.76 -10.44 -5.47
N PRO A 33 -14.50 -9.60 -6.51
CA PRO A 33 -13.13 -9.35 -6.98
C PRO A 33 -12.18 -8.90 -5.86
N ILE A 34 -10.96 -9.41 -5.87
CA ILE A 34 -9.97 -9.16 -4.80
C ILE A 34 -9.76 -7.66 -4.54
N ALA A 35 -9.58 -6.86 -5.60
CA ALA A 35 -9.35 -5.42 -5.47
C ALA A 35 -10.47 -4.64 -4.75
N LEU A 36 -11.70 -5.12 -4.83
CA LEU A 36 -12.84 -4.45 -4.17
C LEU A 36 -12.87 -4.59 -2.66
N TYR A 37 -12.23 -5.63 -2.11
CA TYR A 37 -12.22 -5.83 -0.65
C TYR A 37 -11.56 -4.65 0.07
N SER A 38 -10.36 -4.27 -0.35
CA SER A 38 -9.65 -3.14 0.28
C SER A 38 -10.29 -1.79 -0.08
N PHE A 39 -10.67 -1.65 -1.35
CA PHE A 39 -11.44 -0.49 -1.83
C PHE A 39 -12.58 -0.10 -0.86
N PHE A 40 -13.41 -1.08 -0.52
CA PHE A 40 -14.53 -0.86 0.41
C PHE A 40 -14.08 -0.63 1.85
N THR A 41 -13.05 -1.36 2.28
CA THR A 41 -12.48 -1.13 3.61
C THR A 41 -12.09 0.34 3.77
N PHE A 42 -11.38 0.89 2.78
CA PHE A 42 -10.99 2.31 2.82
C PHE A 42 -12.18 3.26 2.70
N SER A 43 -13.13 2.94 1.82
CA SER A 43 -14.27 3.84 1.56
C SER A 43 -15.14 4.11 2.77
N ARG A 44 -15.31 3.10 3.63
CA ARG A 44 -16.15 3.22 4.85
C ARG A 44 -15.49 4.04 5.96
N MET A 45 -14.17 4.19 5.91
CA MET A 45 -13.44 4.92 6.95
C MET A 45 -13.66 6.42 6.82
N PRO A 46 -14.20 7.07 7.88
CA PRO A 46 -14.43 8.52 7.83
C PRO A 46 -13.18 9.36 7.53
N GLU A 47 -12.01 8.85 7.91
CA GLU A 47 -10.74 9.51 7.59
C GLU A 47 -10.46 9.61 6.09
N VAL A 48 -10.93 8.62 5.32
CA VAL A 48 -10.61 8.55 3.90
C VAL A 48 -11.55 9.45 3.09
N LYS A 49 -10.91 10.26 2.26
CA LYS A 49 -11.55 11.34 1.56
C LYS A 49 -11.73 11.01 0.08
N GLU A 50 -10.66 10.51 -0.54
CA GLU A 50 -10.69 10.04 -1.91
C GLU A 50 -9.93 8.73 -2.01
N ILE A 51 -10.32 7.90 -2.98
CA ILE A 51 -9.52 6.76 -3.42
C ILE A 51 -9.15 7.06 -4.87
N VAL A 52 -7.89 7.43 -5.09
CA VAL A 52 -7.34 7.56 -6.44
C VAL A 52 -6.87 6.15 -6.84
N VAL A 53 -7.63 5.49 -7.71
CA VAL A 53 -7.38 4.09 -8.10
C VAL A 53 -6.45 4.04 -9.30
N VAL A 54 -5.46 3.14 -9.24
CA VAL A 54 -4.48 2.97 -10.31
C VAL A 54 -4.75 1.63 -11.00
N CYS A 55 -5.35 1.69 -12.20
CA CYS A 55 -5.70 0.47 -12.92
C CYS A 55 -5.78 0.72 -14.42
N ASP A 56 -5.68 -0.37 -15.18
CA ASP A 56 -5.80 -0.30 -16.64
C ASP A 56 -7.27 0.01 -16.96
N PRO A 57 -7.54 0.95 -17.90
CA PRO A 57 -8.91 1.34 -18.28
C PRO A 57 -9.95 0.24 -18.51
N PHE A 58 -9.51 -0.97 -18.91
CA PHE A 58 -10.37 -2.15 -18.96
C PHE A 58 -11.13 -2.39 -17.65
N PHE A 59 -10.43 -2.22 -16.53
CA PHE A 59 -10.98 -2.47 -15.19
C PHE A 59 -11.56 -1.23 -14.48
N ARG A 60 -11.58 -0.07 -15.13
CA ARG A 60 -12.20 1.15 -14.54
C ARG A 60 -13.63 0.92 -14.08
N ASP A 61 -14.43 0.27 -14.93
CA ASP A 61 -15.83 -0.05 -14.62
C ASP A 61 -16.02 -0.86 -13.33
N ILE A 62 -15.06 -1.75 -13.04
CA ILE A 62 -15.06 -2.60 -11.84
C ILE A 62 -15.23 -1.80 -10.54
N PHE A 63 -14.67 -0.57 -10.50
CA PHE A 63 -14.85 0.35 -9.38
C PHE A 63 -16.01 1.33 -9.58
N GLU A 64 -16.19 1.79 -10.82
CA GLU A 64 -17.28 2.70 -11.19
C GLU A 64 -18.66 2.27 -10.71
N GLU A 65 -18.95 0.97 -10.81
CA GLU A 65 -20.26 0.40 -10.43
C GLU A 65 -20.70 0.82 -9.02
N TYR A 66 -19.76 0.85 -8.09
CA TYR A 66 -20.04 1.13 -6.68
C TYR A 66 -19.84 2.58 -6.24
N GLU A 67 -19.69 3.50 -7.19
CA GLU A 67 -19.38 4.89 -6.86
C GLU A 67 -20.44 5.64 -6.05
N GLU A 68 -21.71 5.46 -6.37
CA GLU A 68 -22.79 6.19 -5.68
C GLU A 68 -23.01 5.68 -4.26
N SER A 69 -22.74 4.40 -4.03
CA SER A 69 -22.86 3.79 -2.71
C SER A 69 -21.75 4.19 -1.75
N ILE A 70 -20.51 4.29 -2.24
CA ILE A 70 -19.35 4.61 -1.39
C ILE A 70 -19.31 6.09 -0.96
N ASP A 71 -18.79 6.32 0.24
CA ASP A 71 -18.68 7.68 0.82
C ASP A 71 -17.26 8.24 0.66
N VAL A 72 -16.75 8.18 -0.58
CA VAL A 72 -15.45 8.76 -0.94
C VAL A 72 -15.47 9.26 -2.37
N ASP A 73 -14.50 10.10 -2.72
CA ASP A 73 -14.25 10.43 -4.12
C ASP A 73 -13.49 9.29 -4.79
N LEU A 74 -14.08 8.71 -5.82
CA LEU A 74 -13.37 7.84 -6.76
C LEU A 74 -12.67 8.66 -7.84
N SER A 75 -11.38 8.42 -8.04
CA SER A 75 -10.63 8.95 -9.17
C SER A 75 -9.76 7.85 -9.75
N PHE A 76 -9.18 8.09 -10.92
CA PHE A 76 -8.38 7.07 -11.60
C PHE A 76 -7.01 7.57 -12.05
N ALA A 77 -6.10 6.62 -12.24
CA ALA A 77 -4.76 6.88 -12.77
C ALA A 77 -4.30 5.70 -13.61
N ILE A 78 -3.46 5.97 -14.61
CA ILE A 78 -2.89 4.94 -15.47
C ILE A 78 -1.64 4.39 -14.76
N PRO A 79 -1.48 3.05 -14.70
CA PRO A 79 -0.23 2.47 -14.18
C PRO A 79 1.02 2.77 -15.02
N GLY A 80 2.19 2.61 -14.40
CA GLY A 80 3.47 2.74 -15.08
C GLY A 80 4.19 1.40 -15.13
N LYS A 81 5.45 1.42 -15.55
CA LYS A 81 6.25 0.20 -15.73
C LYS A 81 6.51 -0.50 -14.39
N GLU A 82 7.10 0.24 -13.44
CA GLU A 82 7.45 -0.28 -12.12
C GLU A 82 6.53 0.34 -11.06
N ARG A 83 6.52 -0.28 -9.87
CA ARG A 83 5.63 0.14 -8.78
C ARG A 83 5.68 1.64 -8.50
N GLN A 84 6.89 2.19 -8.40
CA GLN A 84 7.06 3.64 -8.11
C GLN A 84 6.46 4.58 -9.17
N ASP A 85 6.43 4.16 -10.43
CA ASP A 85 5.82 4.94 -11.52
C ASP A 85 4.31 5.07 -11.33
N SER A 86 3.69 3.95 -10.95
CA SER A 86 2.25 3.91 -10.61
C SER A 86 1.91 4.77 -9.39
N VAL A 87 2.80 4.81 -8.40
CA VAL A 87 2.61 5.68 -7.22
C VAL A 87 2.65 7.16 -7.63
N TYR A 88 3.66 7.54 -8.40
CA TYR A 88 3.78 8.92 -8.88
C TYR A 88 2.55 9.36 -9.68
N SER A 89 2.10 8.49 -10.58
CA SER A 89 0.88 8.71 -11.38
C SER A 89 -0.32 8.99 -10.48
N GLY A 90 -0.54 8.13 -9.49
CA GLY A 90 -1.58 8.32 -8.48
C GLY A 90 -1.41 9.58 -7.65
N LEU A 91 -0.18 9.87 -7.24
CA LEU A 91 0.13 11.09 -6.49
C LEU A 91 -0.28 12.40 -7.21
N GLN A 92 -0.28 12.42 -8.54
CA GLN A 92 -0.68 13.62 -9.29
C GLN A 92 -2.18 13.97 -9.17
N GLU A 93 -3.04 12.98 -8.90
CA GLU A 93 -4.50 13.25 -8.75
C GLU A 93 -4.98 13.50 -7.35
N ILE A 94 -4.13 13.30 -6.34
CA ILE A 94 -4.58 13.50 -4.97
C ILE A 94 -4.94 14.97 -4.73
N ASP A 95 -5.64 15.19 -3.65
CA ASP A 95 -6.02 16.51 -3.21
C ASP A 95 -4.84 17.43 -2.94
N VAL A 96 -5.01 18.73 -3.23
CA VAL A 96 -4.00 19.74 -2.89
C VAL A 96 -3.86 19.93 -1.37
N ASN A 97 -4.90 19.62 -0.60
CA ASN A 97 -4.90 19.74 0.88
C ASN A 97 -4.99 18.39 1.61
N SER A 98 -4.64 17.28 0.94
CA SER A 98 -4.65 15.98 1.59
C SER A 98 -3.48 15.96 2.57
N GLU A 99 -3.72 15.44 3.78
CA GLU A 99 -2.68 15.43 4.83
C GLU A 99 -1.85 14.15 4.82
N LEU A 100 -2.46 13.04 4.42
CA LEU A 100 -1.75 11.77 4.21
C LEU A 100 -2.16 11.13 2.91
N VAL A 101 -1.18 10.52 2.26
CA VAL A 101 -1.44 9.60 1.17
C VAL A 101 -1.28 8.22 1.79
N CYS A 102 -2.20 7.33 1.43
CA CYS A 102 -2.24 5.97 1.92
C CYS A 102 -2.13 5.02 0.73
N ILE A 103 -0.92 4.57 0.47
CA ILE A 103 -0.63 3.72 -0.68
C ILE A 103 -0.91 2.28 -0.30
N HIS A 104 -1.75 1.59 -1.08
CA HIS A 104 -2.11 0.20 -0.81
C HIS A 104 -2.05 -0.69 -2.06
N ASP A 105 -1.54 -1.90 -1.88
CA ASP A 105 -1.55 -2.92 -2.91
C ASP A 105 -2.88 -3.68 -2.92
N SER A 106 -3.65 -3.54 -4.00
CA SER A 106 -4.95 -4.21 -4.15
C SER A 106 -4.91 -5.73 -4.00
N ALA A 107 -3.75 -6.33 -4.27
CA ALA A 107 -3.51 -7.76 -4.01
C ALA A 107 -3.50 -8.17 -2.53
N ARG A 108 -3.60 -7.21 -1.60
CA ARG A 108 -3.86 -7.50 -0.19
C ARG A 108 -5.30 -7.13 0.19
N PRO A 109 -6.27 -8.02 -0.12
CA PRO A 109 -7.68 -7.72 0.16
C PRO A 109 -8.09 -7.81 1.62
N LEU A 110 -7.32 -8.52 2.45
CA LEU A 110 -7.72 -8.83 3.82
C LEU A 110 -7.25 -7.86 4.91
N VAL A 111 -6.70 -6.70 4.56
CA VAL A 111 -6.28 -5.72 5.57
C VAL A 111 -7.48 -5.32 6.44
N ASN A 112 -7.27 -5.32 7.76
CA ASN A 112 -8.32 -5.02 8.74
C ASN A 112 -8.45 -3.51 8.89
N THR A 113 -9.67 -3.03 9.04
CA THR A 113 -9.91 -1.61 9.33
C THR A 113 -9.06 -1.11 10.51
N GLU A 114 -9.00 -1.92 11.57
CA GLU A 114 -8.25 -1.59 12.78
C GLU A 114 -6.76 -1.38 12.50
N ASP A 115 -6.20 -2.23 11.64
CA ASP A 115 -4.78 -2.08 11.24
C ASP A 115 -4.58 -0.86 10.34
N VAL A 116 -5.53 -0.57 9.44
CA VAL A 116 -5.46 0.67 8.65
C VAL A 116 -5.51 1.90 9.58
N GLU A 117 -6.43 1.89 10.57
CA GLU A 117 -6.51 2.96 11.57
C GLU A 117 -5.17 3.15 12.26
N LYS A 118 -4.50 2.05 12.61
CA LYS A 118 -3.22 2.11 13.30
C LYS A 118 -2.14 2.77 12.47
N VAL A 119 -1.98 2.32 11.23
CA VAL A 119 -0.94 2.85 10.35
C VAL A 119 -1.25 4.29 9.92
N LEU A 120 -2.53 4.63 9.74
CA LEU A 120 -2.90 6.04 9.52
C LEU A 120 -2.49 6.94 10.69
N LYS A 121 -2.79 6.50 11.90
CA LYS A 121 -2.43 7.25 13.10
C LYS A 121 -0.89 7.38 13.23
N ASP A 122 -0.18 6.29 12.94
CA ASP A 122 1.29 6.32 13.04
C ASP A 122 1.91 7.20 11.95
N GLY A 123 1.34 7.15 10.75
CA GLY A 123 1.76 7.98 9.64
C GLY A 123 1.56 9.45 9.92
N SER A 124 0.43 9.79 10.52
CA SER A 124 0.15 11.16 10.92
C SER A 124 1.17 11.70 11.94
N ALA A 125 1.52 10.85 12.91
CA ALA A 125 2.41 11.26 13.99
C ALA A 125 3.87 11.36 13.54
N VAL A 126 4.30 10.37 12.75
CA VAL A 126 5.72 10.22 12.38
C VAL A 126 6.04 10.90 11.05
N GLY A 127 5.06 10.94 10.14
CA GLY A 127 5.24 11.42 8.77
C GLY A 127 5.24 10.32 7.73
N ALA A 128 5.64 9.12 8.15
CA ALA A 128 5.74 7.96 7.29
C ALA A 128 5.60 6.73 8.17
N ALA A 129 4.69 5.84 7.79
CA ALA A 129 4.51 4.56 8.47
C ALA A 129 4.05 3.46 7.53
N VAL A 130 4.48 2.24 7.81
CA VAL A 130 4.10 1.09 6.97
C VAL A 130 3.63 -0.04 7.89
N LEU A 131 2.62 -0.79 7.47
CA LEU A 131 2.18 -1.97 8.22
C LEU A 131 3.19 -3.10 8.03
N GLY A 132 3.59 -3.73 9.13
CA GLY A 132 4.49 -4.89 9.09
C GLY A 132 4.21 -5.90 10.19
N VAL A 133 4.82 -7.08 10.04
CA VAL A 133 4.72 -8.13 11.06
C VAL A 133 6.11 -8.68 11.31
N PRO A 134 6.38 -9.23 12.52
CA PRO A 134 7.67 -9.88 12.70
C PRO A 134 7.83 -11.04 11.73
N ALA A 135 8.97 -11.14 11.06
CA ALA A 135 9.22 -12.24 10.12
C ALA A 135 9.29 -13.53 10.93
N LYS A 136 8.40 -14.47 10.62
CA LYS A 136 8.33 -15.74 11.35
C LYS A 136 9.46 -16.68 10.96
N ALA A 137 9.87 -16.64 9.69
CA ALA A 137 10.99 -17.45 9.22
C ALA A 137 12.32 -17.01 9.82
N THR A 138 13.28 -17.93 9.84
CA THR A 138 14.65 -17.64 10.25
C THR A 138 15.37 -17.03 9.06
N ILE A 139 15.69 -15.74 9.16
CA ILE A 139 16.26 -14.96 8.08
C ILE A 139 17.71 -14.63 8.43
N LYS A 140 18.60 -14.83 7.45
CA LYS A 140 20.02 -14.53 7.61
C LYS A 140 20.52 -13.68 6.46
N GLU A 141 21.45 -12.78 6.75
CA GLU A 141 22.16 -12.04 5.73
C GLU A 141 23.24 -12.93 5.13
N VAL A 142 23.34 -12.94 3.81
CA VAL A 142 24.29 -13.79 3.09
C VAL A 142 25.10 -12.92 2.14
N ASN A 143 26.42 -13.07 2.16
CA ASN A 143 27.31 -12.23 1.36
C ASN A 143 27.47 -12.80 -0.06
N SER A 144 28.23 -12.10 -0.90
CA SER A 144 28.44 -12.49 -2.30
C SER A 144 29.12 -13.85 -2.48
N ASP A 145 29.82 -14.32 -1.45
CA ASP A 145 30.39 -15.67 -1.44
C ASP A 145 29.47 -16.76 -0.85
N SER A 146 28.18 -16.44 -0.70
CA SER A 146 27.14 -17.34 -0.19
C SER A 146 27.35 -17.80 1.26
N LEU A 147 28.05 -16.98 2.04
CA LEU A 147 28.32 -17.28 3.46
C LEU A 147 27.43 -16.43 4.35
N VAL A 148 26.94 -17.04 5.43
CA VAL A 148 26.17 -16.29 6.43
C VAL A 148 27.03 -15.16 7.01
N VAL A 149 26.47 -13.95 7.03
CA VAL A 149 27.09 -12.83 7.74
C VAL A 149 26.57 -12.90 9.18
N LYS A 150 27.40 -13.42 10.08
CA LYS A 150 26.95 -13.78 11.44
C LYS A 150 26.85 -12.58 12.36
N THR A 151 25.91 -12.64 13.30
CA THR A 151 25.77 -11.64 14.38
C THR A 151 25.12 -12.24 15.62
N LYS A 155 19.18 -8.37 16.17
CA LYS A 155 18.43 -7.77 15.07
C LYS A 155 17.01 -8.33 14.98
N THR A 156 16.02 -7.43 14.92
CA THR A 156 14.61 -7.79 14.74
C THR A 156 14.19 -7.43 13.33
N LEU A 157 13.92 -8.45 12.52
CA LEU A 157 13.54 -8.26 11.11
C LEU A 157 12.03 -8.37 10.98
N TRP A 158 11.47 -7.51 10.14
CA TRP A 158 10.02 -7.42 9.94
C TRP A 158 9.69 -7.56 8.48
N GLU A 159 8.58 -8.24 8.21
CA GLU A 159 8.02 -8.35 6.86
C GLU A 159 7.10 -7.15 6.60
N MET A 160 7.35 -6.41 5.51
CA MET A 160 6.60 -5.17 5.21
C MET A 160 5.38 -5.47 4.35
N GLN A 161 4.22 -4.97 4.77
CA GLN A 161 2.97 -5.10 4.03
C GLN A 161 2.59 -3.72 3.48
N THR A 162 1.31 -3.53 3.13
CA THR A 162 0.75 -2.21 2.88
C THR A 162 -0.57 -2.13 3.66
N PRO A 163 -1.11 -0.95 3.97
CA PRO A 163 -0.66 0.37 3.50
C PRO A 163 0.75 0.86 3.84
N GLN A 164 1.29 1.67 2.94
CA GLN A 164 2.39 2.59 3.25
C GLN A 164 1.75 3.98 3.34
N VAL A 165 1.85 4.61 4.51
CA VAL A 165 1.20 5.88 4.78
C VAL A 165 2.28 6.95 4.88
N ILE A 166 2.12 8.04 4.14
CA ILE A 166 3.15 9.08 4.09
C ILE A 166 2.54 10.44 3.77
N LYS A 167 3.11 11.49 4.37
CA LYS A 167 2.67 12.85 4.06
C LYS A 167 3.11 13.18 2.63
N PRO A 168 2.20 13.80 1.84
CA PRO A 168 2.54 13.99 0.42
C PRO A 168 3.81 14.82 0.16
N GLU A 169 4.14 15.77 1.03
CA GLU A 169 5.34 16.62 0.86
C GLU A 169 6.62 15.76 0.99
N LEU A 170 6.59 14.81 1.92
CA LEU A 170 7.67 13.82 2.08
C LEU A 170 7.86 12.95 0.84
N LEU A 171 6.75 12.40 0.33
CA LEU A 171 6.79 11.54 -0.85
C LEU A 171 7.33 12.30 -2.07
N LYS A 172 6.83 13.52 -2.28
CA LYS A 172 7.31 14.42 -3.34
C LYS A 172 8.81 14.71 -3.22
N LYS A 173 9.27 14.98 -2.00
CA LYS A 173 10.70 15.25 -1.77
C LYS A 173 11.55 14.02 -2.11
N GLY A 174 11.03 12.83 -1.81
CA GLY A 174 11.67 11.58 -2.21
C GLY A 174 11.83 11.45 -3.72
N PHE A 175 10.74 11.69 -4.45
CA PHE A 175 10.77 11.64 -5.92
C PHE A 175 11.73 12.68 -6.54
N GLU A 176 11.76 13.88 -5.97
CA GLU A 176 12.64 14.97 -6.43
C GLU A 176 14.12 14.72 -6.18
N LEU A 177 14.45 14.14 -5.02
CA LEU A 177 15.84 13.79 -4.70
C LEU A 177 16.39 12.71 -5.64
N VAL A 178 15.60 11.66 -5.86
CA VAL A 178 15.96 10.58 -6.81
C VAL A 178 16.04 11.10 -8.25
N LYS A 179 15.15 12.02 -8.60
CA LYS A 179 15.19 12.72 -9.89
C LYS A 179 16.49 13.52 -10.05
N SER A 180 16.73 14.46 -9.14
CA SER A 180 17.81 15.44 -9.28
C SER A 180 19.19 14.78 -9.30
N GLU A 181 19.46 13.92 -8.31
CA GLU A 181 20.74 13.20 -8.23
C GLU A 181 20.81 11.95 -9.12
N GLY A 182 19.68 11.50 -9.66
CA GLY A 182 19.64 10.31 -10.51
C GLY A 182 20.02 9.05 -9.75
N LEU A 183 19.48 8.89 -8.54
CA LEU A 183 19.80 7.76 -7.68
C LEU A 183 19.05 6.51 -8.11
N GLU A 184 19.67 5.34 -7.90
CA GLU A 184 19.12 4.06 -8.34
C GLU A 184 18.07 3.57 -7.34
N VAL A 185 17.05 2.91 -7.86
CA VAL A 185 15.89 2.48 -7.08
C VAL A 185 15.64 0.99 -7.34
N THR A 186 15.45 0.22 -6.25
CA THR A 186 15.28 -1.23 -6.32
C THR A 186 14.13 -1.72 -5.42
N ASP A 187 13.90 -3.03 -5.44
CA ASP A 187 13.02 -3.75 -4.50
C ASP A 187 13.06 -3.19 -3.08
N ASP A 188 14.26 -3.13 -2.51
CA ASP A 188 14.46 -2.81 -1.09
C ASP A 188 14.95 -1.39 -0.81
N VAL A 189 15.20 -0.59 -1.86
CA VAL A 189 15.68 0.78 -1.69
C VAL A 189 14.84 1.75 -2.54
N SER A 190 13.75 2.25 -1.95
CA SER A 190 12.86 3.17 -2.64
C SER A 190 13.28 4.63 -2.48
N ILE A 191 12.55 5.51 -3.17
CA ILE A 191 12.65 6.97 -2.99
C ILE A 191 12.66 7.43 -1.53
N VAL A 192 11.90 6.76 -0.66
CA VAL A 192 11.78 7.18 0.75
C VAL A 192 12.93 6.60 1.60
N GLU A 193 13.50 5.46 1.21
CA GLU A 193 14.73 4.95 1.86
C GLU A 193 15.89 5.94 1.81
N TYR A 194 15.95 6.74 0.76
CA TYR A 194 16.95 7.81 0.61
C TYR A 194 16.73 9.02 1.52
N LEU A 195 15.52 9.23 2.00
CA LEU A 195 15.24 10.35 2.91
C LEU A 195 15.80 10.05 4.30
N LYS A 196 16.22 11.10 5.01
CA LYS A 196 16.61 11.00 6.42
C LYS A 196 15.38 10.93 7.33
N HIS A 197 14.20 11.25 6.80
CA HIS A 197 12.98 11.22 7.60
C HIS A 197 12.63 9.81 8.04
N PRO A 198 12.29 9.62 9.34
CA PRO A 198 12.02 8.27 9.85
C PRO A 198 10.77 7.61 9.28
N VAL A 199 10.79 6.28 9.26
CA VAL A 199 9.69 5.44 8.85
C VAL A 199 9.33 4.53 10.01
N TYR A 200 8.09 4.64 10.47
CA TYR A 200 7.58 3.86 11.57
C TYR A 200 6.99 2.56 11.03
N VAL A 201 7.14 1.48 11.79
CA VAL A 201 6.57 0.20 11.42
C VAL A 201 5.44 -0.12 12.39
N SER A 202 4.22 -0.02 11.89
CA SER A 202 3.00 -0.31 12.63
C SER A 202 2.75 -1.82 12.61
N GLN A 203 2.56 -2.43 13.78
CA GLN A 203 2.35 -3.88 13.84
C GLN A 203 0.96 -4.29 13.35
N GLY A 204 0.92 -5.01 12.24
CA GLY A 204 -0.32 -5.48 11.63
C GLY A 204 -0.63 -6.93 11.98
N SER A 205 -1.32 -7.60 11.07
CA SER A 205 -1.78 -8.97 11.26
C SER A 205 -1.19 -9.87 10.18
N TYR A 206 -0.82 -11.09 10.57
CA TYR A 206 -0.34 -12.11 9.63
C TYR A 206 -1.39 -12.48 8.58
N THR A 207 -2.67 -12.29 8.92
CA THR A 207 -3.78 -12.46 7.97
C THR A 207 -3.74 -11.53 6.74
N ASN A 208 -3.01 -10.42 6.81
CA ASN A 208 -2.92 -9.45 5.69
C ASN A 208 -1.96 -9.94 4.61
N ILE A 209 -2.30 -11.07 3.98
CA ILE A 209 -1.42 -11.70 2.99
C ILE A 209 -1.61 -11.06 1.62
N LYS A 210 -0.58 -11.17 0.79
CA LYS A 210 -0.65 -10.78 -0.61
C LYS A 210 -1.16 -11.99 -1.41
N VAL A 211 -1.87 -11.73 -2.51
CA VAL A 211 -2.46 -12.78 -3.35
C VAL A 211 -1.77 -12.85 -4.71
N THR A 212 -1.03 -13.94 -4.92
CA THR A 212 -0.46 -14.30 -6.23
C THR A 212 -0.82 -15.74 -6.60
N THR A 213 -0.38 -16.69 -5.77
CA THR A 213 -0.61 -18.12 -6.04
C THR A 213 -2.06 -18.53 -5.78
N PRO A 214 -2.51 -19.67 -6.35
CA PRO A 214 -3.81 -20.26 -5.96
C PRO A 214 -3.84 -20.80 -4.53
N ASP A 215 -2.66 -21.12 -3.98
CA ASP A 215 -2.49 -21.41 -2.55
C ASP A 215 -3.05 -20.30 -1.65
N ASP A 216 -2.88 -19.05 -2.08
CA ASP A 216 -3.33 -17.88 -1.32
C ASP A 216 -4.85 -17.82 -1.19
N LEU A 217 -5.56 -18.18 -2.27
CA LEU A 217 -7.04 -18.23 -2.26
C LEU A 217 -7.59 -19.25 -1.27
N LEU A 218 -6.96 -20.42 -1.22
CA LEU A 218 -7.39 -21.51 -0.35
C LEU A 218 -7.12 -21.16 1.13
N LEU A 219 -6.11 -20.32 1.37
CA LEU A 219 -5.83 -19.73 2.68
C LEU A 219 -6.75 -18.55 2.98
N ALA A 220 -6.88 -17.62 2.01
CA ALA A 220 -7.69 -16.40 2.18
C ALA A 220 -9.16 -16.66 2.47
N GLU A 221 -9.73 -17.70 1.85
CA GLU A 221 -11.11 -18.12 2.16
C GLU A 221 -11.23 -18.62 3.60
N ARG A 222 -10.22 -19.35 4.08
CA ARG A 222 -10.15 -19.80 5.49
C ARG A 222 -10.10 -18.62 6.46
N ILE A 223 -9.38 -17.56 6.09
CA ILE A 223 -9.27 -16.34 6.91
C ILE A 223 -10.61 -15.60 6.95
N LEU A 224 -11.16 -15.28 5.78
CA LEU A 224 -12.46 -14.58 5.68
C LEU A 224 -13.57 -15.24 6.49
N SER A 225 -13.48 -16.56 6.65
CA SER A 225 -14.34 -17.30 7.57
C SER A 225 -13.55 -17.72 8.81
C4 Q9T B . 6.53 4.44 1.57
C5 Q9T B . 7.43 3.88 0.64
C6 Q9T B . 7.14 4.07 -0.68
C7 Q9T B . 7.67 3.55 -1.79
C8 Q9T B . 7.01 4.11 -2.81
C15 Q9T B . 8.57 3.22 1.17
C17 Q9T B . 8.79 3.10 2.54
F12 Q9T B . 8.49 3.52 -4.51
C9 Q9T B . 7.23 3.85 -4.30
F11 Q9T B . 6.94 5.00 -4.97
F10 Q9T B . 6.43 2.88 -4.72
N13 Q9T B . 6.10 4.97 -2.38
O14 Q9T B . 6.16 4.96 -1.07
C2 Q9T B . 6.75 4.34 2.95
BR3 Q9T B . 5.57 5.06 4.16
C1 Q9T B . 7.88 3.67 3.42
BR8 Q9T B . 10.31 2.23 3.28
O16 Q9T B . 9.48 2.66 0.35
C TRS C . 4.01 6.45 17.43
C1 TRS C . 3.20 7.26 16.45
C2 TRS C . 3.43 6.52 18.83
C3 TRS C . 5.49 6.82 17.41
N TRS C . 3.82 5.05 16.99
O1 TRS C . 1.88 6.73 16.43
O2 TRS C . 4.14 5.66 19.73
O3 TRS C . 5.70 8.23 17.22
C ACT D . -14.15 6.52 12.71
O ACT D . -13.36 7.43 12.37
OXT ACT D . -13.81 5.34 12.60
CH3 ACT D . -15.52 6.82 13.25
K K E . -16.65 11.28 -7.55
K K F . -9.97 18.55 -1.09
CD CD G . -17.41 7.98 -11.89
CD CD H . -11.39 6.22 12.34
CD CD I . -4.76 15.85 -13.06
#